data_2IRO
#
_entry.id   2IRO
#
_cell.length_a   1.000
_cell.length_b   1.000
_cell.length_c   1.000
_cell.angle_alpha   90.00
_cell.angle_beta   90.00
_cell.angle_gamma   90.00
#
_symmetry.space_group_name_H-M   'P 1'
#
_entity_poly.entity_id   1
_entity_poly.type   'polyribonucleotide'
_entity_poly.pdbx_seq_one_letter_code
;GCGGAUGCU
;
_entity_poly.pdbx_strand_id   A,B
#